data_5X40
#
_entry.id   5X40
#
_cell.length_a   71.339
_cell.length_b   74.399
_cell.length_c   106.849
_cell.angle_alpha   90.00
_cell.angle_beta   90.00
_cell.angle_gamma   90.00
#
_symmetry.space_group_name_H-M   'P 21 21 21'
#
loop_
_entity.id
_entity.type
_entity.pdbx_description
1 polymer 'Cobalt ABC transporter ATP-binding protein'
2 non-polymer 'MAGNESIUM ION'
3 non-polymer 'PHOSPHOMETHYLPHOSPHONIC ACID ADENYLATE ESTER'
4 water water
#
_entity_poly.entity_id   1
_entity_poly.type   'polypeptide(L)'
_entity_poly.pdbx_seq_one_letter_code
;MGSHHHHHHSGSMTPILAAEALTYAFPGGVKALDDLSLAVPKGESLAILGPNGAGKSTLLLHLNGTLRPQSGRVLLGGTA
TGHSRKDLTGWRRRVGLVLQDADDQLFATTVFEDVSFGPLNLGLSEAEARARVEEALAALSISDLRDRPTHMLSGGQKRR
VAIAGAVAMRPEVLLLDQPTAGLDLAGTEQLLTLLRGLRAAGMTLVFSTHDVELAAALADRVALFRTGRVLAEGAAEAVL
SDRATLAKVALRPPLVIDLALLARDHGLLAPEAPLPKTRDALAAQMAGWTRR
;
_entity_poly.pdbx_strand_id   A,B
#
loop_
_chem_comp.id
_chem_comp.type
_chem_comp.name
_chem_comp.formula
ACP non-polymer 'PHOSPHOMETHYLPHOSPHONIC ACID ADENYLATE ESTER' 'C11 H18 N5 O12 P3'
MG non-polymer 'MAGNESIUM ION' 'Mg 2'
#
# COMPACT_ATOMS: atom_id res chain seq x y z
N MET A 13 2.39 -34.48 1.91
CA MET A 13 2.70 -35.02 3.25
C MET A 13 3.28 -34.04 4.30
N THR A 14 4.55 -33.72 4.18
CA THR A 14 5.21 -32.91 5.15
C THR A 14 4.76 -31.42 5.12
N PRO A 15 4.49 -30.82 3.87
CA PRO A 15 4.17 -29.38 3.98
C PRO A 15 2.82 -29.17 4.64
N ILE A 16 2.60 -28.04 5.28
CA ILE A 16 1.30 -27.82 5.93
C ILE A 16 0.23 -27.49 4.87
N LEU A 17 0.63 -26.82 3.79
CA LEU A 17 -0.25 -26.57 2.66
C LEU A 17 0.47 -26.89 1.36
N ALA A 18 -0.26 -27.45 0.41
CA ALA A 18 0.29 -27.71 -0.92
C ALA A 18 -0.76 -27.51 -2.00
N ALA A 19 -0.53 -26.52 -2.86
CA ALA A 19 -1.32 -26.37 -4.06
C ALA A 19 -0.74 -27.28 -5.12
N GLU A 20 -1.56 -28.16 -5.67
CA GLU A 20 -1.08 -29.08 -6.72
C GLU A 20 -1.85 -28.89 -8.01
N ALA A 21 -1.17 -28.33 -9.01
CA ALA A 21 -1.70 -28.19 -10.37
C ALA A 21 -3.04 -27.46 -10.43
N LEU A 22 -3.15 -26.36 -9.69
CA LEU A 22 -4.39 -25.61 -9.67
C LEU A 22 -4.65 -24.85 -10.97
N THR A 23 -5.81 -25.11 -11.57
CA THR A 23 -6.28 -24.33 -12.70
C THR A 23 -7.64 -23.75 -12.35
N TYR A 24 -7.77 -22.43 -12.47
CA TYR A 24 -9.01 -21.74 -12.13
C TYR A 24 -9.27 -20.56 -13.04
N ALA A 25 -10.48 -20.51 -13.58
CA ALA A 25 -10.99 -19.34 -14.27
C ALA A 25 -12.23 -18.86 -13.53
N PHE A 26 -12.39 -17.55 -13.43
CA PHE A 26 -13.56 -16.96 -12.80
C PHE A 26 -14.82 -17.16 -13.63
N PRO A 27 -15.99 -17.10 -12.98
CA PRO A 27 -17.26 -17.09 -13.74
C PRO A 27 -17.20 -15.95 -14.75
N GLY A 28 -17.53 -16.22 -16.01
CA GLY A 28 -17.35 -15.25 -17.05
C GLY A 28 -16.14 -15.57 -17.92
N GLY A 29 -15.24 -16.40 -17.41
CA GLY A 29 -14.19 -16.96 -18.24
C GLY A 29 -12.77 -16.43 -18.08
N VAL A 30 -12.56 -15.39 -17.27
CA VAL A 30 -11.19 -14.87 -17.13
C VAL A 30 -10.30 -15.90 -16.41
N LYS A 31 -9.25 -16.34 -17.09
CA LYS A 31 -8.30 -17.30 -16.51
C LYS A 31 -7.41 -16.63 -15.47
N ALA A 32 -7.21 -17.31 -14.32
CA ALA A 32 -6.46 -16.72 -13.21
C ALA A 32 -5.31 -17.61 -12.71
N LEU A 33 -5.56 -18.91 -12.57
CA LEU A 33 -4.50 -19.86 -12.19
C LEU A 33 -4.32 -20.89 -13.28
N ASP A 34 -3.07 -21.15 -13.64
CA ASP A 34 -2.72 -22.01 -14.76
C ASP A 34 -1.73 -23.10 -14.33
N ASP A 35 -2.26 -24.24 -13.91
CA ASP A 35 -1.45 -25.37 -13.48
C ASP A 35 -0.43 -24.93 -12.42
N LEU A 36 -0.91 -24.23 -11.41
CA LEU A 36 -0.03 -23.68 -10.38
C LEU A 36 0.22 -24.69 -9.25
N SER A 37 1.50 -24.92 -8.98
CA SER A 37 1.90 -25.75 -7.83
C SER A 37 2.78 -24.96 -6.86
N LEU A 38 2.47 -25.08 -5.59
CA LEU A 38 3.20 -24.36 -4.54
C LEU A 38 3.06 -25.11 -3.22
N ALA A 39 4.20 -25.48 -2.63
CA ALA A 39 4.19 -26.16 -1.33
C ALA A 39 4.69 -25.22 -0.25
N VAL A 40 4.04 -25.29 0.90
CA VAL A 40 4.38 -24.43 2.03
C VAL A 40 4.77 -25.24 3.26
N PRO A 41 6.08 -25.36 3.51
CA PRO A 41 6.56 -26.02 4.74
C PRO A 41 5.98 -25.41 6.00
N LYS A 42 5.57 -26.26 6.94
CA LYS A 42 5.03 -25.77 8.19
C LYS A 42 6.05 -24.89 8.91
N GLY A 43 5.57 -23.75 9.38
CA GLY A 43 6.38 -22.86 10.19
C GLY A 43 7.11 -21.79 9.43
N GLU A 44 7.13 -21.88 8.10
CA GLU A 44 7.86 -20.88 7.30
C GLU A 44 7.06 -19.60 7.10
N SER A 45 7.76 -18.55 6.68
CA SER A 45 7.13 -17.30 6.24
C SER A 45 7.41 -17.14 4.77
N LEU A 46 6.36 -17.26 3.97
CA LEU A 46 6.46 -17.21 2.52
C LEU A 46 5.88 -15.92 1.96
N ALA A 47 6.70 -15.14 1.26
CA ALA A 47 6.23 -14.00 0.49
C ALA A 47 5.88 -14.43 -0.91
N ILE A 48 4.73 -13.97 -1.40
CA ILE A 48 4.34 -14.16 -2.81
C ILE A 48 4.36 -12.81 -3.49
N LEU A 49 5.18 -12.69 -4.55
CA LEU A 49 5.37 -11.44 -5.28
C LEU A 49 4.98 -11.64 -6.73
N GLY A 50 4.63 -10.56 -7.41
CA GLY A 50 4.43 -10.61 -8.84
C GLY A 50 3.48 -9.54 -9.32
N PRO A 51 3.37 -9.38 -10.63
CA PRO A 51 2.62 -8.27 -11.23
C PRO A 51 1.15 -8.25 -10.83
N ASN A 52 0.54 -7.06 -10.91
CA ASN A 52 -0.90 -6.95 -10.80
C ASN A 52 -1.54 -7.92 -11.81
N GLY A 53 -2.49 -8.72 -11.33
CA GLY A 53 -3.18 -9.68 -12.16
C GLY A 53 -2.52 -11.05 -12.25
N ALA A 54 -1.40 -11.24 -11.57
CA ALA A 54 -0.65 -12.49 -11.71
C ALA A 54 -1.32 -13.71 -11.07
N GLY A 55 -2.31 -13.48 -10.21
CA GLY A 55 -3.02 -14.58 -9.57
C GLY A 55 -2.75 -14.78 -8.09
N LYS A 56 -2.10 -13.79 -7.46
CA LYS A 56 -1.71 -13.91 -6.05
C LYS A 56 -2.95 -14.06 -5.14
N SER A 57 -3.91 -13.16 -5.28
CA SER A 57 -5.13 -13.23 -4.47
C SER A 57 -5.91 -14.50 -4.74
N THR A 58 -6.02 -14.86 -6.02
CA THR A 58 -6.80 -16.02 -6.37
C THR A 58 -6.19 -17.26 -5.72
N LEU A 59 -4.86 -17.34 -5.71
CA LEU A 59 -4.18 -18.46 -5.09
C LEU A 59 -4.46 -18.49 -3.58
N LEU A 60 -4.37 -17.34 -2.91
CA LEU A 60 -4.68 -17.32 -1.48
C LEU A 60 -6.10 -17.79 -1.19
N LEU A 61 -7.05 -17.41 -2.06
CA LEU A 61 -8.44 -17.81 -1.88
C LEU A 61 -8.64 -19.31 -2.13
N HIS A 62 -7.72 -19.94 -2.85
CA HIS A 62 -7.76 -21.40 -2.98
C HIS A 62 -7.19 -22.06 -1.72
N LEU A 63 -6.18 -21.42 -1.13
CA LEU A 63 -5.52 -22.02 0.03
C LEU A 63 -6.37 -22.05 1.29
N ASN A 64 -7.39 -21.19 1.39
CA ASN A 64 -8.31 -21.31 2.53
C ASN A 64 -9.69 -21.83 2.12
N GLY A 65 -9.79 -22.38 0.92
CA GLY A 65 -11.00 -23.07 0.49
C GLY A 65 -12.16 -22.20 0.05
N THR A 66 -11.92 -20.91 -0.16
CA THR A 66 -12.97 -20.00 -0.60
C THR A 66 -13.36 -20.29 -2.05
N LEU A 67 -12.35 -20.49 -2.89
CA LEU A 67 -12.54 -20.84 -4.28
C LEU A 67 -12.16 -22.29 -4.52
N ARG A 68 -12.93 -22.96 -5.36
CA ARG A 68 -12.63 -24.34 -5.75
C ARG A 68 -12.12 -24.35 -7.19
N PRO A 69 -10.99 -25.02 -7.43
CA PRO A 69 -10.40 -25.00 -8.78
C PRO A 69 -11.18 -25.88 -9.73
N GLN A 70 -11.07 -25.63 -11.03
CA GLN A 70 -11.70 -26.54 -11.99
C GLN A 70 -10.88 -27.81 -12.09
N SER A 71 -9.58 -27.68 -11.83
CA SER A 71 -8.65 -28.80 -11.94
C SER A 71 -7.56 -28.64 -10.87
N GLY A 72 -7.08 -29.75 -10.34
CA GLY A 72 -6.06 -29.70 -9.30
C GLY A 72 -6.67 -29.75 -7.90
N ARG A 73 -5.82 -29.61 -6.88
CA ARG A 73 -6.29 -29.74 -5.51
C ARG A 73 -5.36 -29.06 -4.51
N VAL A 74 -5.90 -28.77 -3.35
CA VAL A 74 -5.12 -28.26 -2.23
C VAL A 74 -5.01 -29.32 -1.15
N LEU A 75 -3.78 -29.56 -0.69
CA LEU A 75 -3.54 -30.51 0.39
C LEU A 75 -3.28 -29.74 1.68
N LEU A 76 -3.95 -30.15 2.74
CA LEU A 76 -3.78 -29.57 4.06
C LEU A 76 -3.22 -30.63 4.98
N GLY A 77 -2.00 -30.43 5.46
CA GLY A 77 -1.36 -31.43 6.30
C GLY A 77 -1.16 -32.75 5.56
N GLY A 78 -0.93 -32.67 4.25
CA GLY A 78 -0.69 -33.84 3.43
C GLY A 78 -1.95 -34.56 2.98
N THR A 79 -3.10 -34.04 3.38
CA THR A 79 -4.38 -34.67 3.07
C THR A 79 -5.23 -33.79 2.17
N ALA A 80 -5.82 -34.37 1.13
CA ALA A 80 -6.75 -33.65 0.28
C ALA A 80 -7.88 -33.12 1.15
N THR A 81 -8.26 -31.88 0.92
CA THR A 81 -9.14 -31.18 1.86
C THR A 81 -10.58 -31.68 1.89
N GLY A 82 -11.26 -31.71 0.76
CA GLY A 82 -12.68 -32.04 0.74
C GLY A 82 -13.54 -30.80 0.86
N HIS A 83 -14.82 -30.86 0.50
CA HIS A 83 -15.62 -29.64 0.41
C HIS A 83 -16.98 -29.69 1.11
N SER A 84 -17.12 -30.54 2.13
CA SER A 84 -18.35 -30.54 2.92
C SER A 84 -18.38 -29.30 3.81
N ARG A 85 -19.54 -29.00 4.39
CA ARG A 85 -19.67 -27.86 5.29
C ARG A 85 -18.68 -27.97 6.44
N LYS A 86 -18.56 -29.18 6.97
CA LYS A 86 -17.68 -29.41 8.11
C LYS A 86 -16.20 -29.44 7.68
N ASP A 87 -15.93 -29.95 6.49
CA ASP A 87 -14.58 -29.88 5.93
C ASP A 87 -14.13 -28.43 5.84
N LEU A 88 -15.00 -27.61 5.27
CA LEU A 88 -14.71 -26.18 5.08
C LEU A 88 -14.51 -25.46 6.40
N THR A 89 -15.38 -25.72 7.37
CA THR A 89 -15.27 -25.08 8.68
C THR A 89 -13.91 -25.39 9.31
N GLY A 90 -13.51 -26.66 9.28
CA GLY A 90 -12.25 -27.07 9.87
C GLY A 90 -11.06 -26.47 9.13
N TRP A 91 -11.18 -26.41 7.81
CA TRP A 91 -10.15 -25.83 6.96
C TRP A 91 -9.95 -24.35 7.28
N ARG A 92 -11.05 -23.62 7.37
CA ARG A 92 -10.99 -22.18 7.61
C ARG A 92 -10.50 -21.86 9.03
N ARG A 93 -10.82 -22.73 9.98
CA ARG A 93 -10.29 -22.56 11.34
C ARG A 93 -8.77 -22.71 11.36
N ARG A 94 -8.25 -23.61 10.51
CA ARG A 94 -6.82 -23.86 10.47
C ARG A 94 -6.06 -22.89 9.57
N VAL A 95 -6.75 -22.32 8.59
CA VAL A 95 -6.13 -21.43 7.63
C VAL A 95 -6.94 -20.14 7.52
N GLY A 96 -6.45 -19.09 8.18
CA GLY A 96 -7.12 -17.80 8.16
C GLY A 96 -6.63 -16.93 7.02
N LEU A 97 -7.43 -15.94 6.64
CA LEU A 97 -7.09 -15.07 5.52
C LEU A 97 -7.48 -13.63 5.82
N VAL A 98 -6.51 -12.73 5.75
CA VAL A 98 -6.80 -11.31 5.75
C VAL A 98 -6.99 -10.85 4.30
N LEU A 99 -8.23 -10.49 3.97
CA LEU A 99 -8.59 -10.12 2.60
C LEU A 99 -7.88 -8.86 2.15
N GLN A 100 -7.73 -8.73 0.85
CA GLN A 100 -7.08 -7.56 0.28
C GLN A 100 -7.81 -6.27 0.61
N ASP A 101 -9.15 -6.30 0.56
CA ASP A 101 -9.95 -5.12 0.89
C ASP A 101 -10.55 -5.25 2.28
N ALA A 102 -10.12 -4.42 3.22
CA ALA A 102 -10.54 -4.54 4.62
C ALA A 102 -12.04 -4.41 4.81
N ASP A 103 -12.69 -3.58 4.00
CA ASP A 103 -14.14 -3.43 4.10
C ASP A 103 -14.90 -4.73 3.84
N ASP A 104 -14.31 -5.62 3.04
CA ASP A 104 -14.95 -6.90 2.77
C ASP A 104 -14.89 -7.82 3.98
N GLN A 105 -14.05 -7.48 4.93
CA GLN A 105 -13.81 -8.37 6.06
C GLN A 105 -14.41 -7.84 7.37
N LEU A 106 -14.74 -6.55 7.38
CA LEU A 106 -15.28 -5.93 8.60
C LEU A 106 -16.78 -6.07 8.70
N PHE A 107 -17.22 -6.41 9.90
CA PHE A 107 -18.64 -6.42 10.24
C PHE A 107 -19.09 -5.03 10.65
N ALA A 108 -20.36 -4.74 10.40
CA ALA A 108 -20.97 -3.45 10.73
C ALA A 108 -21.36 -3.38 12.21
N THR A 109 -20.35 -3.22 13.06
CA THR A 109 -20.52 -3.17 14.50
C THR A 109 -19.28 -2.52 15.08
N THR A 110 -19.09 -2.56 16.40
CA THR A 110 -17.89 -1.98 16.97
C THR A 110 -16.66 -2.82 16.68
N VAL A 111 -15.49 -2.20 16.81
CA VAL A 111 -14.22 -2.90 16.65
C VAL A 111 -14.16 -4.11 17.59
N PHE A 112 -14.50 -3.93 18.86
CA PHE A 112 -14.42 -5.04 19.79
C PHE A 112 -15.32 -6.21 19.38
N GLU A 113 -16.57 -5.90 19.04
CA GLU A 113 -17.49 -6.96 18.65
C GLU A 113 -17.00 -7.68 17.40
N ASP A 114 -16.57 -6.92 16.39
CA ASP A 114 -16.05 -7.48 15.15
C ASP A 114 -14.95 -8.52 15.43
N VAL A 115 -13.99 -8.15 16.26
CA VAL A 115 -12.86 -9.02 16.51
C VAL A 115 -13.26 -10.20 17.41
N SER A 116 -14.28 -10.00 18.24
CA SER A 116 -14.74 -11.05 19.13
C SER A 116 -15.47 -12.19 18.44
N PHE A 117 -16.04 -11.95 17.25
CA PHE A 117 -16.90 -12.97 16.66
C PHE A 117 -16.16 -14.27 16.37
N GLY A 118 -14.92 -14.15 15.89
CA GLY A 118 -14.15 -15.34 15.56
C GLY A 118 -13.96 -16.26 16.76
N PRO A 119 -13.35 -15.73 17.82
CA PRO A 119 -13.19 -16.51 19.05
C PRO A 119 -14.50 -17.09 19.59
N LEU A 120 -15.56 -16.29 19.59
CA LEU A 120 -16.85 -16.78 20.09
C LEU A 120 -17.39 -17.92 19.21
N ASN A 121 -17.22 -17.79 17.89
CA ASN A 121 -17.69 -18.84 16.98
C ASN A 121 -16.88 -20.13 17.13
N LEU A 122 -15.67 -20.03 17.67
CA LEU A 122 -14.85 -21.21 17.97
C LEU A 122 -15.31 -21.91 19.24
N GLY A 123 -16.30 -21.34 19.92
CA GLY A 123 -16.82 -21.95 21.14
C GLY A 123 -16.07 -21.55 22.40
N LEU A 124 -15.20 -20.55 22.29
CA LEU A 124 -14.45 -20.09 23.47
C LEU A 124 -15.36 -19.32 24.42
N SER A 125 -14.99 -19.29 25.70
CA SER A 125 -15.72 -18.51 26.70
C SER A 125 -15.58 -17.02 26.42
N GLU A 126 -16.49 -16.22 26.98
CA GLU A 126 -16.38 -14.77 26.87
C GLU A 126 -15.05 -14.27 27.45
N ALA A 127 -14.57 -14.88 28.52
CA ALA A 127 -13.30 -14.47 29.14
C ALA A 127 -12.11 -14.75 28.21
N GLU A 128 -12.13 -15.89 27.54
CA GLU A 128 -11.09 -16.19 26.55
C GLU A 128 -11.18 -15.28 25.33
N ALA A 129 -12.39 -15.11 24.82
CA ALA A 129 -12.60 -14.21 23.70
C ALA A 129 -12.10 -12.80 24.03
N ARG A 130 -12.45 -12.30 25.21
CA ARG A 130 -12.04 -10.98 25.65
C ARG A 130 -10.50 -10.84 25.62
N ALA A 131 -9.80 -11.83 26.17
CA ALA A 131 -8.35 -11.81 26.17
C ALA A 131 -7.80 -11.79 24.75
N ARG A 132 -8.39 -12.59 23.86
CA ARG A 132 -7.89 -12.65 22.50
C ARG A 132 -8.09 -11.34 21.77
N VAL A 133 -9.25 -10.73 22.00
CA VAL A 133 -9.54 -9.45 21.36
C VAL A 133 -8.58 -8.38 21.88
N GLU A 134 -8.45 -8.28 23.21
CA GLU A 134 -7.61 -7.24 23.77
C GLU A 134 -6.14 -7.41 23.36
N GLU A 135 -5.68 -8.66 23.27
CA GLU A 135 -4.29 -8.88 22.86
C GLU A 135 -4.08 -8.42 21.41
N ALA A 136 -5.03 -8.74 20.55
CA ALA A 136 -4.91 -8.40 19.13
C ALA A 136 -4.97 -6.88 18.94
N LEU A 137 -5.89 -6.21 19.62
CA LEU A 137 -6.01 -4.76 19.47
C LEU A 137 -4.77 -4.04 19.99
N ALA A 138 -4.26 -4.49 21.14
CA ALA A 138 -3.07 -3.85 21.69
C ALA A 138 -1.84 -4.05 20.80
N ALA A 139 -1.73 -5.21 20.17
CA ALA A 139 -0.58 -5.50 19.31
C ALA A 139 -0.46 -4.52 18.15
N LEU A 140 -1.60 -3.98 17.72
CA LEU A 140 -1.61 -3.03 16.62
C LEU A 140 -2.02 -1.62 17.06
N SER A 141 -1.89 -1.36 18.36
CA SER A 141 -2.13 -0.03 18.94
C SER A 141 -3.52 0.52 18.63
N ILE A 142 -4.53 -0.32 18.68
CA ILE A 142 -5.90 0.16 18.49
C ILE A 142 -6.85 -0.23 19.63
N SER A 143 -6.30 -0.49 20.81
CA SER A 143 -7.10 -0.72 22.00
C SER A 143 -8.13 0.39 22.20
N ASP A 144 -7.72 1.63 21.95
CA ASP A 144 -8.61 2.75 22.23
C ASP A 144 -9.74 2.90 21.21
N LEU A 145 -9.72 2.07 20.18
CA LEU A 145 -10.80 2.05 19.20
C LEU A 145 -11.82 0.96 19.49
N ARG A 146 -11.73 0.31 20.65
CA ARG A 146 -12.57 -0.86 20.92
C ARG A 146 -14.08 -0.60 20.75
N ASP A 147 -14.54 0.59 21.10
CA ASP A 147 -15.98 0.87 20.99
C ASP A 147 -16.36 1.70 19.78
N ARG A 148 -15.39 1.89 18.87
CA ARG A 148 -15.64 2.62 17.63
C ARG A 148 -16.36 1.71 16.62
N PRO A 149 -17.46 2.21 16.03
CA PRO A 149 -18.06 1.52 14.88
C PRO A 149 -17.01 1.34 13.78
N THR A 150 -16.97 0.17 13.15
CA THR A 150 -15.95 -0.10 12.17
C THR A 150 -16.05 0.82 10.95
N HIS A 151 -17.22 1.40 10.64
CA HIS A 151 -17.22 2.38 9.53
C HIS A 151 -16.59 3.69 9.91
N MET A 152 -16.49 3.96 11.21
CA MET A 152 -15.93 5.24 11.63
C MET A 152 -14.43 5.14 11.84
N LEU A 153 -13.72 4.74 10.78
CA LEU A 153 -12.30 4.44 10.83
C LEU A 153 -11.63 4.88 9.55
N SER A 154 -10.37 5.27 9.66
CA SER A 154 -9.56 5.48 8.47
C SER A 154 -9.20 4.14 7.81
N GLY A 155 -8.70 4.21 6.58
CA GLY A 155 -8.32 2.99 5.88
C GLY A 155 -7.27 2.17 6.63
N GLY A 156 -6.27 2.83 7.21
CA GLY A 156 -5.20 2.14 7.93
C GLY A 156 -5.67 1.55 9.26
N GLN A 157 -6.62 2.23 9.88
CA GLN A 157 -7.25 1.69 11.09
C GLN A 157 -8.07 0.46 10.74
N LYS A 158 -8.85 0.52 9.66
CA LYS A 158 -9.59 -0.65 9.19
C LYS A 158 -8.68 -1.84 8.90
N ARG A 159 -7.53 -1.59 8.26
CA ARG A 159 -6.56 -2.65 7.98
C ARG A 159 -6.14 -3.34 9.29
N ARG A 160 -5.85 -2.55 10.31
CA ARG A 160 -5.47 -3.10 11.61
C ARG A 160 -6.59 -3.95 12.23
N VAL A 161 -7.84 -3.49 12.14
CA VAL A 161 -8.95 -4.26 12.69
C VAL A 161 -9.10 -5.61 11.97
N ALA A 162 -8.98 -5.59 10.64
CA ALA A 162 -9.10 -6.84 9.88
C ALA A 162 -8.01 -7.84 10.26
N ILE A 163 -6.77 -7.35 10.40
CA ILE A 163 -5.68 -8.22 10.83
C ILE A 163 -5.95 -8.73 12.25
N ALA A 164 -6.40 -7.84 13.14
CA ALA A 164 -6.70 -8.24 14.53
C ALA A 164 -7.75 -9.36 14.56
N GLY A 165 -8.79 -9.26 13.73
CA GLY A 165 -9.82 -10.28 13.72
C GLY A 165 -9.26 -11.63 13.32
N ALA A 166 -8.35 -11.65 12.34
CA ALA A 166 -7.79 -12.92 11.88
C ALA A 166 -6.82 -13.50 12.92
N VAL A 167 -5.98 -12.68 13.52
CA VAL A 167 -5.00 -13.23 14.45
C VAL A 167 -5.67 -13.68 15.76
N ALA A 168 -6.81 -13.09 16.12
CA ALA A 168 -7.54 -13.49 17.32
C ALA A 168 -8.04 -14.93 17.23
N MET A 169 -8.14 -15.47 16.02
CA MET A 169 -8.57 -16.86 15.84
C MET A 169 -7.42 -17.84 15.97
N ARG A 170 -6.20 -17.30 16.08
CA ARG A 170 -4.97 -18.09 16.23
C ARG A 170 -4.91 -19.34 15.35
N PRO A 171 -4.97 -19.13 14.02
CA PRO A 171 -4.95 -20.25 13.09
C PRO A 171 -3.57 -20.88 12.98
N GLU A 172 -3.54 -22.12 12.50
CA GLU A 172 -2.30 -22.83 12.18
C GLU A 172 -1.51 -22.07 11.10
N VAL A 173 -2.24 -21.60 10.11
CA VAL A 173 -1.67 -20.88 8.98
C VAL A 173 -2.42 -19.56 8.84
N LEU A 174 -1.66 -18.47 8.71
CA LEU A 174 -2.27 -17.18 8.41
C LEU A 174 -1.85 -16.72 7.02
N LEU A 175 -2.86 -16.48 6.17
CA LEU A 175 -2.66 -15.89 4.84
C LEU A 175 -2.98 -14.40 4.92
N LEU A 176 -2.10 -13.57 4.38
CA LEU A 176 -2.32 -12.11 4.37
C LEU A 176 -2.22 -11.58 2.95
N ASP A 177 -3.30 -10.99 2.44
CA ASP A 177 -3.31 -10.46 1.09
C ASP A 177 -2.98 -8.97 1.09
N GLN A 178 -1.71 -8.64 0.84
CA GLN A 178 -1.23 -7.25 0.83
C GLN A 178 -1.57 -6.50 2.13
N PRO A 179 -1.07 -7.02 3.26
CA PRO A 179 -1.52 -6.51 4.56
C PRO A 179 -0.99 -5.14 4.93
N THR A 180 0.01 -4.61 4.22
CA THR A 180 0.53 -3.30 4.60
C THR A 180 0.07 -2.20 3.66
N ALA A 181 -0.82 -2.51 2.73
CA ALA A 181 -1.36 -1.46 1.88
C ALA A 181 -2.13 -0.45 2.74
N GLY A 182 -1.74 0.82 2.67
CA GLY A 182 -2.41 1.85 3.44
C GLY A 182 -1.94 1.97 4.89
N LEU A 183 -1.02 1.10 5.27
CA LEU A 183 -0.52 1.08 6.63
C LEU A 183 0.62 2.07 6.82
N ASP A 184 0.61 2.81 7.92
CA ASP A 184 1.70 3.73 8.19
C ASP A 184 2.93 2.96 8.71
N LEU A 185 4.04 3.67 8.88
CA LEU A 185 5.28 3.01 9.24
C LEU A 185 5.18 2.32 10.60
N ALA A 186 4.59 3.00 11.57
CA ALA A 186 4.43 2.43 12.90
C ALA A 186 3.61 1.14 12.85
N GLY A 187 2.54 1.17 12.07
CA GLY A 187 1.68 0.01 11.92
C GLY A 187 2.41 -1.14 11.27
N THR A 188 3.26 -0.83 10.30
CA THR A 188 4.03 -1.86 9.62
C THR A 188 5.02 -2.50 10.59
N GLU A 189 5.67 -1.68 11.40
CA GLU A 189 6.63 -2.21 12.37
C GLU A 189 5.92 -3.04 13.42
N GLN A 190 4.75 -2.58 13.86
CA GLN A 190 3.99 -3.34 14.84
C GLN A 190 3.48 -4.66 14.26
N LEU A 191 3.10 -4.65 12.99
CA LEU A 191 2.69 -5.88 12.32
C LEU A 191 3.85 -6.86 12.23
N LEU A 192 5.04 -6.35 11.89
CA LEU A 192 6.22 -7.21 11.81
C LEU A 192 6.49 -7.87 13.16
N THR A 193 6.42 -7.08 14.22
CA THR A 193 6.65 -7.60 15.57
C THR A 193 5.62 -8.68 15.89
N LEU A 194 4.37 -8.41 15.58
CA LEU A 194 3.29 -9.34 15.84
C LEU A 194 3.50 -10.65 15.07
N LEU A 195 3.79 -10.53 13.78
CA LEU A 195 3.95 -11.71 12.94
C LEU A 195 5.17 -12.54 13.32
N ARG A 196 6.26 -11.87 13.69
CA ARG A 196 7.44 -12.59 14.18
C ARG A 196 7.10 -13.40 15.44
N GLY A 197 6.30 -12.82 16.34
CA GLY A 197 5.90 -13.52 17.55
C GLY A 197 5.00 -14.71 17.24
N LEU A 198 4.05 -14.53 16.33
CA LEU A 198 3.17 -15.64 15.97
C LEU A 198 3.95 -16.78 15.32
N ARG A 199 4.91 -16.45 14.47
CA ARG A 199 5.71 -17.49 13.86
C ARG A 199 6.59 -18.23 14.90
N ALA A 200 7.16 -17.49 15.85
CA ALA A 200 7.94 -18.09 16.92
C ALA A 200 7.07 -19.07 17.74
N ALA A 201 5.78 -18.78 17.80
CA ALA A 201 4.83 -19.66 18.48
C ALA A 201 4.38 -20.81 17.57
N GLY A 202 4.91 -20.87 16.36
CA GLY A 202 4.64 -21.99 15.48
C GLY A 202 3.76 -21.74 14.26
N MET A 203 3.20 -20.54 14.15
CA MET A 203 2.30 -20.23 13.04
C MET A 203 3.05 -20.19 11.70
N THR A 204 2.38 -20.63 10.64
CA THR A 204 2.88 -20.54 9.27
C THR A 204 2.30 -19.29 8.65
N LEU A 205 3.13 -18.53 7.93
CA LEU A 205 2.68 -17.28 7.32
C LEU A 205 2.85 -17.32 5.81
N VAL A 206 1.83 -16.89 5.09
CA VAL A 206 1.94 -16.68 3.64
C VAL A 206 1.39 -15.30 3.37
N PHE A 207 2.16 -14.44 2.72
CA PHE A 207 1.66 -13.09 2.43
C PHE A 207 1.99 -12.66 1.01
N SER A 208 0.96 -12.14 0.32
CA SER A 208 1.12 -11.45 -0.96
C SER A 208 1.49 -10.00 -0.69
N THR A 209 2.44 -9.45 -1.45
CA THR A 209 2.79 -8.05 -1.26
C THR A 209 3.45 -7.46 -2.51
N HIS A 210 3.29 -6.14 -2.68
CA HIS A 210 4.07 -5.36 -3.64
C HIS A 210 5.17 -4.58 -2.92
N ASP A 211 5.21 -4.71 -1.61
CA ASP A 211 6.25 -4.08 -0.81
C ASP A 211 7.41 -5.06 -0.64
N VAL A 212 8.40 -4.97 -1.51
CA VAL A 212 9.47 -5.96 -1.48
C VAL A 212 10.36 -5.80 -0.24
N GLU A 213 10.33 -4.62 0.39
CA GLU A 213 11.02 -4.42 1.66
C GLU A 213 10.39 -5.26 2.77
N LEU A 214 9.07 -5.42 2.70
CA LEU A 214 8.37 -6.27 3.65
C LEU A 214 8.84 -7.70 3.50
N ALA A 215 8.92 -8.16 2.25
CA ALA A 215 9.40 -9.50 1.96
C ALA A 215 10.80 -9.69 2.57
N ALA A 216 11.67 -8.71 2.37
CA ALA A 216 13.03 -8.79 2.88
C ALA A 216 13.06 -8.90 4.39
N ALA A 217 12.17 -8.16 5.05
CA ALA A 217 12.14 -8.09 6.50
C ALA A 217 11.50 -9.31 7.15
N LEU A 218 10.58 -9.96 6.43
CA LEU A 218 9.71 -10.96 7.07
C LEU A 218 9.83 -12.39 6.51
N ALA A 219 10.18 -12.53 5.24
CA ALA A 219 10.12 -13.85 4.59
C ALA A 219 11.34 -14.74 4.82
N ASP A 220 11.09 -16.04 4.99
CA ASP A 220 12.14 -17.07 4.85
C ASP A 220 12.27 -17.54 3.42
N ARG A 221 11.17 -17.47 2.68
CA ARG A 221 11.11 -17.96 1.32
C ARG A 221 10.25 -17.03 0.51
N VAL A 222 10.52 -16.99 -0.79
CA VAL A 222 9.83 -16.09 -1.70
C VAL A 222 9.43 -16.88 -2.93
N ALA A 223 8.19 -16.71 -3.36
CA ALA A 223 7.71 -17.26 -4.62
C ALA A 223 7.32 -16.11 -5.53
N LEU A 224 7.76 -16.20 -6.78
CA LEU A 224 7.44 -15.21 -7.78
C LEU A 224 6.35 -15.76 -8.71
N PHE A 225 5.24 -15.03 -8.81
CA PHE A 225 4.10 -15.41 -9.65
C PHE A 225 4.11 -14.63 -10.96
N ARG A 226 3.77 -15.32 -12.04
CA ARG A 226 3.61 -14.67 -13.34
C ARG A 226 2.53 -15.41 -14.12
N THR A 227 1.52 -14.65 -14.55
CA THR A 227 0.39 -15.13 -15.35
C THR A 227 -0.14 -16.48 -14.86
N GLY A 228 -0.39 -16.55 -13.56
CA GLY A 228 -1.10 -17.69 -13.00
C GLY A 228 -0.24 -18.88 -12.65
N ARG A 229 1.07 -18.70 -12.68
CA ARG A 229 2.00 -19.79 -12.41
C ARG A 229 3.11 -19.31 -11.50
N VAL A 230 3.78 -20.25 -10.83
CA VAL A 230 4.97 -19.91 -10.05
C VAL A 230 6.17 -19.93 -10.98
N LEU A 231 6.75 -18.77 -11.18
CA LEU A 231 7.92 -18.64 -12.04
C LEU A 231 9.17 -19.17 -11.32
N ALA A 232 9.28 -18.84 -10.04
CA ALA A 232 10.44 -19.22 -9.25
C ALA A 232 10.08 -19.24 -7.78
N GLU A 233 10.76 -20.08 -7.02
CA GLU A 233 10.60 -20.12 -5.56
C GLU A 233 11.95 -20.45 -4.95
N GLY A 234 12.26 -19.85 -3.82
CA GLY A 234 13.53 -20.13 -3.17
C GLY A 234 13.70 -19.42 -1.85
N ALA A 235 14.86 -19.60 -1.23
CA ALA A 235 15.19 -18.88 -0.01
C ALA A 235 15.12 -17.40 -0.26
N ALA A 236 14.61 -16.64 0.71
CA ALA A 236 14.34 -15.22 0.50
C ALA A 236 15.57 -14.44 0.03
N GLU A 237 16.72 -14.61 0.68
CA GLU A 237 17.89 -13.82 0.31
C GLU A 237 18.33 -14.11 -1.13
N ALA A 238 18.31 -15.38 -1.51
CA ALA A 238 18.67 -15.77 -2.86
C ALA A 238 17.74 -15.13 -3.89
N VAL A 239 16.43 -15.23 -3.68
CA VAL A 239 15.49 -14.71 -4.65
C VAL A 239 15.54 -13.18 -4.73
N LEU A 240 15.59 -12.54 -3.57
CA LEU A 240 15.51 -11.08 -3.53
C LEU A 240 16.81 -10.41 -4.03
N SER A 241 17.88 -11.19 -4.19
CA SER A 241 19.12 -10.66 -4.73
C SER A 241 19.34 -11.12 -6.19
N ASP A 242 18.41 -11.93 -6.70
CA ASP A 242 18.53 -12.47 -8.05
C ASP A 242 17.98 -11.49 -9.07
N ARG A 243 18.85 -10.56 -9.51
CA ARG A 243 18.42 -9.49 -10.39
C ARG A 243 17.78 -10.02 -11.66
N ALA A 244 18.34 -11.07 -12.23
CA ALA A 244 17.85 -11.59 -13.51
C ALA A 244 16.44 -12.18 -13.38
N THR A 245 16.23 -13.00 -12.36
CA THR A 245 14.93 -13.65 -12.19
C THR A 245 13.88 -12.62 -11.80
N LEU A 246 14.24 -11.69 -10.92
CA LEU A 246 13.29 -10.65 -10.53
C LEU A 246 12.82 -9.83 -11.74
N ALA A 247 13.72 -9.57 -12.67
CA ALA A 247 13.38 -8.83 -13.88
C ALA A 247 12.28 -9.52 -14.70
N LYS A 248 12.18 -10.84 -14.58
CA LYS A 248 11.15 -11.59 -15.31
C LYS A 248 9.73 -11.31 -14.81
N VAL A 249 9.60 -10.81 -13.58
CA VAL A 249 8.31 -10.35 -13.08
C VAL A 249 8.33 -8.84 -12.84
N ALA A 250 9.20 -8.15 -13.59
CA ALA A 250 9.27 -6.69 -13.59
C ALA A 250 9.55 -6.14 -12.20
N LEU A 251 10.44 -6.82 -11.49
CA LEU A 251 10.88 -6.39 -10.17
C LEU A 251 12.39 -6.16 -10.14
N ARG A 252 12.81 -5.42 -9.14
CA ARG A 252 14.22 -5.22 -8.81
C ARG A 252 14.39 -5.65 -7.36
N PRO A 253 15.64 -5.87 -6.94
CA PRO A 253 15.80 -6.12 -5.51
C PRO A 253 15.25 -4.95 -4.68
N PRO A 254 14.78 -5.24 -3.47
CA PRO A 254 14.40 -4.12 -2.60
C PRO A 254 15.59 -3.18 -2.40
N LEU A 255 15.31 -1.90 -2.20
CA LEU A 255 16.36 -0.90 -2.12
C LEU A 255 17.41 -1.27 -1.05
N VAL A 256 16.96 -1.75 0.10
CA VAL A 256 17.89 -2.15 1.14
C VAL A 256 18.85 -3.22 0.63
N ILE A 257 18.33 -4.19 -0.12
CA ILE A 257 19.18 -5.27 -0.61
C ILE A 257 20.08 -4.78 -1.75
N ASP A 258 19.57 -3.89 -2.59
CA ASP A 258 20.41 -3.30 -3.63
C ASP A 258 21.59 -2.59 -2.99
N LEU A 259 21.33 -1.81 -1.94
CA LEU A 259 22.38 -1.06 -1.28
C LEU A 259 23.34 -2.00 -0.54
N ALA A 260 22.81 -3.09 0.00
CA ALA A 260 23.65 -4.09 0.67
C ALA A 260 24.56 -4.78 -0.34
N LEU A 261 24.01 -5.11 -1.51
CA LEU A 261 24.78 -5.71 -2.59
C LEU A 261 25.85 -4.74 -3.10
N LEU A 262 25.46 -3.47 -3.15
CA LEU A 262 26.36 -2.42 -3.58
C LEU A 262 27.51 -2.28 -2.59
N ALA A 263 27.17 -2.33 -1.30
CA ALA A 263 28.16 -2.27 -0.24
C ALA A 263 29.14 -3.45 -0.34
N ARG A 264 28.61 -4.63 -0.62
CA ARG A 264 29.43 -5.83 -0.77
C ARG A 264 30.35 -5.70 -1.99
N ASP A 265 29.84 -5.06 -3.04
CA ASP A 265 30.60 -4.82 -4.27
C ASP A 265 31.87 -4.02 -3.95
N HIS A 266 31.79 -3.19 -2.91
CA HIS A 266 32.92 -2.38 -2.49
C HIS A 266 33.59 -2.91 -1.23
N GLY A 267 33.28 -4.16 -0.87
CA GLY A 267 33.92 -4.83 0.25
C GLY A 267 33.64 -4.25 1.62
N LEU A 268 32.52 -3.52 1.74
CA LEU A 268 32.17 -2.87 2.99
C LEU A 268 31.40 -3.78 3.94
N LEU A 269 31.07 -4.98 3.49
CA LEU A 269 30.39 -5.96 4.34
C LEU A 269 31.18 -7.18 4.77
N ALA A 270 30.86 -7.69 5.96
CA ALA A 270 31.21 -9.05 6.41
C ALA A 270 31.61 -10.09 5.37
N PRO A 271 32.95 -10.47 5.53
CA PRO A 271 33.33 -11.57 4.67
C PRO A 271 32.45 -12.81 4.81
N GLU A 272 31.35 -12.86 4.05
CA GLU A 272 30.49 -14.05 3.97
C GLU A 272 29.15 -13.97 4.73
N ALA A 273 28.91 -12.90 5.48
CA ALA A 273 27.67 -12.72 6.26
C ALA A 273 26.43 -12.57 5.40
N PRO A 274 25.26 -12.87 5.94
CA PRO A 274 24.10 -12.61 5.11
C PRO A 274 23.93 -11.13 4.95
N LEU A 275 23.33 -10.78 3.84
CA LEU A 275 23.09 -9.41 3.56
C LEU A 275 22.22 -8.78 4.59
N PRO A 276 22.51 -7.56 4.92
CA PRO A 276 21.52 -6.75 5.66
C PRO A 276 20.21 -6.70 4.88
N LYS A 277 19.09 -6.99 5.53
CA LYS A 277 17.83 -7.03 4.81
C LYS A 277 16.81 -6.03 5.37
N THR A 278 17.25 -5.18 6.28
CA THR A 278 16.42 -4.10 6.80
C THR A 278 17.22 -2.82 6.90
N ARG A 279 16.52 -1.69 6.97
CA ARG A 279 17.18 -0.40 7.15
C ARG A 279 18.09 -0.37 8.38
N ASP A 280 17.59 -0.85 9.52
CA ASP A 280 18.39 -0.85 10.75
C ASP A 280 19.65 -1.70 10.61
N ALA A 281 19.52 -2.84 9.94
CA ALA A 281 20.66 -3.74 9.76
C ALA A 281 21.73 -3.11 8.88
N LEU A 282 21.30 -2.44 7.82
CA LEU A 282 22.22 -1.76 6.92
C LEU A 282 22.90 -0.60 7.65
N ALA A 283 22.10 0.16 8.39
CA ALA A 283 22.61 1.27 9.19
C ALA A 283 23.67 0.81 10.18
N ALA A 284 23.46 -0.35 10.80
CA ALA A 284 24.40 -0.89 11.78
C ALA A 284 25.78 -1.12 11.18
N GLN A 285 25.80 -1.63 9.95
CA GLN A 285 27.05 -1.92 9.27
C GLN A 285 27.83 -0.64 9.00
N MET A 286 27.09 0.44 8.78
CA MET A 286 27.65 1.75 8.48
C MET A 286 28.55 2.24 9.61
N ALA A 287 28.25 1.82 10.84
CA ALA A 287 29.02 2.22 12.01
C ALA A 287 30.50 1.83 11.89
N GLY A 288 30.75 0.76 11.14
CA GLY A 288 32.10 0.22 11.03
C GLY A 288 32.86 0.71 9.81
N TRP A 289 32.34 1.72 9.12
CA TRP A 289 33.01 2.22 7.93
C TRP A 289 33.85 3.46 8.20
N THR A 290 34.97 3.56 7.50
CA THR A 290 35.81 4.75 7.58
C THR A 290 36.27 5.20 6.20
N ARG A 291 36.68 6.46 6.09
CA ARG A 291 37.22 6.96 4.84
C ARG A 291 38.63 6.43 4.61
N ARG A 292 39.02 6.33 3.34
CA ARG A 292 40.37 5.93 2.99
C ARG A 292 41.32 7.11 3.12
N MET B 13 0.39 35.67 -7.29
CA MET B 13 0.63 34.25 -7.07
C MET B 13 -0.25 33.69 -5.95
N THR B 14 -1.55 33.87 -6.11
CA THR B 14 -2.56 33.24 -5.30
C THR B 14 -2.53 31.72 -5.49
N PRO B 15 -2.61 30.94 -4.39
CA PRO B 15 -2.64 29.48 -4.59
C PRO B 15 -3.90 29.04 -5.32
N ILE B 16 -3.82 27.94 -6.06
CA ILE B 16 -4.99 27.49 -6.80
C ILE B 16 -6.03 26.93 -5.83
N LEU B 17 -5.54 26.40 -4.71
CA LEU B 17 -6.40 25.80 -3.72
C LEU B 17 -5.86 26.17 -2.34
N ALA B 18 -6.76 26.52 -1.42
CA ALA B 18 -6.33 26.79 -0.05
C ALA B 18 -7.37 26.33 0.94
N ALA B 19 -6.92 25.50 1.88
CA ALA B 19 -7.73 25.15 3.04
C ALA B 19 -7.47 26.20 4.11
N GLU B 20 -8.52 26.84 4.59
CA GLU B 20 -8.40 27.88 5.62
C GLU B 20 -9.13 27.47 6.90
N ALA B 21 -8.36 27.11 7.93
CA ALA B 21 -8.91 26.86 9.28
C ALA B 21 -10.03 25.82 9.27
N LEU B 22 -9.83 24.72 8.54
CA LEU B 22 -10.86 23.68 8.46
C LEU B 22 -11.01 22.91 9.77
N THR B 23 -12.23 22.91 10.30
CA THR B 23 -12.57 22.04 11.41
C THR B 23 -13.72 21.15 10.98
N TYR B 24 -13.53 19.84 11.09
CA TYR B 24 -14.54 18.89 10.67
C TYR B 24 -14.55 17.70 11.60
N ALA B 25 -15.73 17.40 12.13
CA ALA B 25 -16.01 16.15 12.81
C ALA B 25 -17.05 15.41 11.99
N PHE B 26 -16.91 14.09 11.91
CA PHE B 26 -17.89 13.25 11.22
C PHE B 26 -19.18 13.18 12.00
N PRO B 27 -20.28 12.86 11.30
CA PRO B 27 -21.51 12.55 12.05
C PRO B 27 -21.23 11.42 13.02
N GLY B 28 -21.61 11.60 14.27
CA GLY B 28 -21.29 10.62 15.28
C GLY B 28 -20.21 11.15 16.20
N GLY B 29 -19.50 12.19 15.76
CA GLY B 29 -18.68 12.97 16.68
C GLY B 29 -17.19 12.81 16.61
N VAL B 30 -16.70 11.91 15.75
CA VAL B 30 -15.26 11.72 15.63
C VAL B 30 -14.60 12.91 14.93
N LYS B 31 -13.67 13.56 15.63
CA LYS B 31 -12.98 14.72 15.09
C LYS B 31 -11.92 14.30 14.09
N ALA B 32 -11.87 14.99 12.95
CA ALA B 32 -10.94 14.60 11.89
C ALA B 32 -10.00 15.72 11.44
N LEU B 33 -10.53 16.93 11.30
CA LEU B 33 -9.72 18.11 10.98
C LEU B 33 -9.86 19.11 12.11
N ASP B 34 -8.73 19.63 12.56
CA ASP B 34 -8.67 20.55 13.70
C ASP B 34 -7.94 21.82 13.32
N ASP B 35 -8.68 22.81 12.80
CA ASP B 35 -8.11 24.10 12.43
C ASP B 35 -7.01 23.91 11.37
N LEU B 36 -7.25 23.05 10.38
CA LEU B 36 -6.23 22.72 9.39
C LEU B 36 -6.17 23.75 8.29
N SER B 37 -4.97 24.28 8.05
CA SER B 37 -4.75 25.21 6.96
C SER B 37 -3.63 24.71 6.07
N LEU B 38 -3.81 24.82 4.76
CA LEU B 38 -2.86 24.32 3.80
C LEU B 38 -3.10 25.00 2.47
N ALA B 39 -2.07 25.62 1.92
CA ALA B 39 -2.17 26.31 0.65
C ALA B 39 -1.46 25.54 -0.44
N VAL B 40 -2.04 25.52 -1.63
CA VAL B 40 -1.45 24.79 -2.74
C VAL B 40 -1.18 25.68 -3.94
N PRO B 41 0.08 26.10 -4.13
CA PRO B 41 0.48 26.86 -5.31
C PRO B 41 0.14 26.16 -6.61
N LYS B 42 -0.36 26.90 -7.58
CA LYS B 42 -0.68 26.31 -8.88
C LYS B 42 0.56 25.73 -9.55
N GLY B 43 0.41 24.50 -10.04
CA GLY B 43 1.47 23.83 -10.77
C GLY B 43 2.41 23.04 -9.89
N GLU B 44 2.23 23.15 -8.58
CA GLU B 44 3.09 22.39 -7.66
C GLU B 44 2.59 20.96 -7.47
N SER B 45 3.50 20.09 -7.03
CA SER B 45 3.16 18.76 -6.54
C SER B 45 3.39 18.71 -5.05
N LEU B 46 2.30 18.54 -4.30
CA LEU B 46 2.32 18.51 -2.85
C LEU B 46 2.06 17.10 -2.33
N ALA B 47 3.02 16.56 -1.58
CA ALA B 47 2.83 15.29 -0.86
C ALA B 47 2.35 15.57 0.55
N ILE B 48 1.34 14.82 0.98
CA ILE B 48 0.85 14.88 2.35
C ILE B 48 1.14 13.55 3.02
N LEU B 49 1.84 13.61 4.15
CA LEU B 49 2.29 12.42 4.87
C LEU B 49 1.86 12.52 6.31
N GLY B 50 1.74 11.37 6.97
CA GLY B 50 1.46 11.35 8.39
C GLY B 50 0.75 10.07 8.77
N PRO B 51 0.56 9.84 10.08
CA PRO B 51 0.04 8.55 10.57
C PRO B 51 -1.38 8.24 10.11
N ASN B 52 -1.72 6.96 10.17
CA ASN B 52 -3.10 6.55 9.98
C ASN B 52 -3.96 7.32 10.98
N GLY B 53 -5.04 7.93 10.49
CA GLY B 53 -5.95 8.71 11.30
C GLY B 53 -5.63 10.19 11.45
N ALA B 54 -4.57 10.65 10.79
CA ALA B 54 -4.14 12.05 10.91
C ALA B 54 -5.08 13.03 10.22
N GLY B 55 -5.92 12.56 9.32
CA GLY B 55 -6.84 13.44 8.60
C GLY B 55 -6.50 13.73 7.14
N LYS B 56 -5.59 12.97 6.57
CA LYS B 56 -5.18 13.19 5.17
C LYS B 56 -6.34 12.98 4.19
N SER B 57 -7.05 11.87 4.33
CA SER B 57 -8.19 11.60 3.43
C SER B 57 -9.29 12.63 3.58
N THR B 58 -9.60 12.97 4.82
CA THR B 58 -10.68 13.91 5.07
C THR B 58 -10.32 15.28 4.49
N LEU B 59 -9.06 15.66 4.61
CA LEU B 59 -8.63 16.89 3.98
C LEU B 59 -8.82 16.86 2.44
N LEU B 60 -8.42 15.76 1.80
CA LEU B 60 -8.59 15.67 0.35
C LEU B 60 -10.08 15.78 -0.03
N LEU B 61 -10.94 15.16 0.76
CA LEU B 61 -12.39 15.22 0.52
C LEU B 61 -12.96 16.63 0.71
N HIS B 62 -12.30 17.46 1.52
CA HIS B 62 -12.70 18.85 1.64
C HIS B 62 -12.24 19.64 0.41
N LEU B 63 -11.09 19.27 -0.14
CA LEU B 63 -10.51 20.05 -1.23
C LEU B 63 -11.28 19.89 -2.54
N ASN B 64 -12.04 18.80 -2.70
CA ASN B 64 -12.88 18.70 -3.90
C ASN B 64 -14.38 18.87 -3.55
N GLY B 65 -14.66 19.35 -2.34
CA GLY B 65 -16.01 19.69 -1.96
C GLY B 65 -16.94 18.52 -1.67
N THR B 66 -16.36 17.33 -1.46
CA THR B 66 -17.17 16.19 -1.07
C THR B 66 -17.71 16.38 0.35
N LEU B 67 -16.86 16.89 1.23
CA LEU B 67 -17.23 17.23 2.59
C LEU B 67 -17.18 18.74 2.82
N ARG B 68 -18.07 19.23 3.67
CA ARG B 68 -18.11 20.62 4.06
C ARG B 68 -17.74 20.75 5.53
N PRO B 69 -16.85 21.68 5.87
CA PRO B 69 -16.39 21.81 7.27
C PRO B 69 -17.45 22.46 8.15
N GLN B 70 -17.40 22.25 9.46
CA GLN B 70 -18.26 23.01 10.37
C GLN B 70 -17.79 24.45 10.54
N SER B 71 -16.48 24.67 10.46
CA SER B 71 -15.92 26.02 10.38
C SER B 71 -14.71 26.02 9.46
N GLY B 72 -14.35 27.20 8.96
CA GLY B 72 -13.31 27.32 7.97
C GLY B 72 -13.88 27.24 6.57
N ARG B 73 -13.00 27.30 5.58
CA ARG B 73 -13.45 27.30 4.19
C ARG B 73 -12.34 26.86 3.25
N VAL B 74 -12.72 26.46 2.04
CA VAL B 74 -11.77 26.16 0.99
C VAL B 74 -11.86 27.24 -0.06
N LEU B 75 -10.71 27.77 -0.46
CA LEU B 75 -10.65 28.75 -1.54
C LEU B 75 -10.16 28.08 -2.81
N LEU B 76 -10.82 28.38 -3.92
CA LEU B 76 -10.43 27.89 -5.23
C LEU B 76 -10.09 29.07 -6.11
N GLY B 77 -8.84 29.16 -6.55
CA GLY B 77 -8.41 30.29 -7.35
C GLY B 77 -8.55 31.60 -6.59
N GLY B 78 -8.41 31.53 -5.27
CA GLY B 78 -8.45 32.73 -4.45
C GLY B 78 -9.81 33.15 -3.93
N THR B 79 -10.86 32.46 -4.36
CA THR B 79 -12.20 32.84 -3.95
C THR B 79 -12.94 31.68 -3.24
N ALA B 80 -13.69 32.05 -2.20
CA ALA B 80 -14.46 31.06 -1.44
C ALA B 80 -15.38 30.29 -2.35
N THR B 81 -15.42 28.98 -2.18
CA THR B 81 -15.94 28.08 -3.20
C THR B 81 -17.42 28.19 -3.57
N GLY B 82 -18.29 28.40 -2.58
CA GLY B 82 -19.72 28.43 -2.83
C GLY B 82 -20.26 27.01 -2.87
N HIS B 83 -21.49 26.84 -2.42
CA HIS B 83 -22.04 25.52 -2.24
C HIS B 83 -23.23 25.13 -3.10
N SER B 84 -23.43 25.77 -4.25
CA SER B 84 -24.57 25.47 -5.11
C SER B 84 -24.23 24.33 -6.08
N ARG B 85 -25.21 23.85 -6.82
CA ARG B 85 -25.04 22.78 -7.77
C ARG B 85 -24.10 23.16 -8.90
N LYS B 86 -24.27 24.36 -9.40
CA LYS B 86 -23.36 24.89 -10.41
C LYS B 86 -21.96 25.10 -9.82
N ASP B 87 -21.91 25.64 -8.60
CA ASP B 87 -20.64 25.83 -7.90
C ASP B 87 -19.88 24.53 -7.75
N LEU B 88 -20.55 23.54 -7.18
CA LEU B 88 -19.93 22.26 -6.92
C LEU B 88 -19.57 21.54 -8.22
N THR B 89 -20.39 21.71 -9.25
CA THR B 89 -20.11 21.12 -10.55
C THR B 89 -18.82 21.69 -11.14
N GLY B 90 -18.71 23.02 -11.11
CA GLY B 90 -17.51 23.68 -11.61
C GLY B 90 -16.30 23.31 -10.79
N TRP B 91 -16.50 23.21 -9.47
CA TRP B 91 -15.45 22.85 -8.53
C TRP B 91 -14.91 21.46 -8.85
N ARG B 92 -15.80 20.49 -9.02
CA ARG B 92 -15.38 19.11 -9.24
C ARG B 92 -14.78 18.86 -10.63
N ARG B 93 -15.16 19.70 -11.59
CA ARG B 93 -14.53 19.66 -12.91
C ARG B 93 -13.10 20.12 -12.84
N ARG B 94 -12.84 21.11 -11.98
CA ARG B 94 -11.50 21.68 -11.85
C ARG B 94 -10.62 20.87 -10.90
N VAL B 95 -11.24 20.19 -9.94
CA VAL B 95 -10.50 19.43 -8.92
C VAL B 95 -10.97 17.99 -8.84
N GLY B 96 -10.16 17.08 -9.37
CA GLY B 96 -10.51 15.66 -9.41
C GLY B 96 -9.89 14.93 -8.23
N LEU B 97 -10.45 13.77 -7.89
CA LEU B 97 -9.98 12.98 -6.76
C LEU B 97 -9.97 11.49 -7.08
N VAL B 98 -8.82 10.85 -6.90
CA VAL B 98 -8.74 9.39 -6.94
C VAL B 98 -8.82 8.88 -5.51
N LEU B 99 -9.92 8.19 -5.21
CA LEU B 99 -10.23 7.71 -3.87
C LEU B 99 -9.25 6.67 -3.39
N GLN B 100 -9.14 6.55 -2.08
CA GLN B 100 -8.25 5.59 -1.48
C GLN B 100 -8.60 4.14 -1.84
N ASP B 101 -9.89 3.82 -1.83
CA ASP B 101 -10.35 2.52 -2.28
C ASP B 101 -10.91 2.64 -3.69
N ALA B 102 -10.14 2.18 -4.67
CA ALA B 102 -10.50 2.31 -6.08
C ALA B 102 -11.86 1.71 -6.38
N ASP B 103 -12.21 0.63 -5.67
CA ASP B 103 -13.48 -0.01 -5.92
C ASP B 103 -14.65 0.95 -5.70
N ASP B 104 -14.51 1.89 -4.77
CA ASP B 104 -15.56 2.89 -4.48
C ASP B 104 -15.76 3.86 -5.64
N GLN B 105 -14.81 3.91 -6.56
CA GLN B 105 -14.83 4.87 -7.66
C GLN B 105 -15.37 4.26 -8.96
N LEU B 106 -15.53 2.94 -8.99
CA LEU B 106 -15.92 2.23 -10.20
C LEU B 106 -17.41 2.07 -10.30
N PHE B 107 -17.90 2.01 -11.53
CA PHE B 107 -19.31 1.74 -11.83
C PHE B 107 -19.47 0.30 -12.29
N ALA B 108 -20.70 -0.20 -12.24
CA ALA B 108 -20.98 -1.58 -12.63
C ALA B 108 -21.13 -1.70 -14.15
N THR B 109 -20.05 -1.39 -14.84
CA THR B 109 -20.02 -1.33 -16.30
C THR B 109 -18.71 -1.94 -16.76
N THR B 110 -18.44 -1.89 -18.06
CA THR B 110 -17.11 -2.22 -18.53
C THR B 110 -16.14 -1.09 -18.22
N VAL B 111 -14.86 -1.40 -18.35
CA VAL B 111 -13.82 -0.40 -18.13
C VAL B 111 -14.00 0.81 -19.05
N PHE B 112 -14.27 0.56 -20.34
CA PHE B 112 -14.43 1.67 -21.28
C PHE B 112 -15.60 2.57 -20.87
N GLU B 113 -16.73 1.95 -20.51
CA GLU B 113 -17.90 2.71 -20.09
C GLU B 113 -17.60 3.54 -18.85
N ASP B 114 -16.87 2.93 -17.93
CA ASP B 114 -16.54 3.58 -16.68
C ASP B 114 -15.71 4.84 -16.90
N VAL B 115 -14.64 4.72 -17.69
CA VAL B 115 -13.75 5.83 -17.93
C VAL B 115 -14.45 6.89 -18.80
N SER B 116 -15.40 6.46 -19.64
CA SER B 116 -16.16 7.37 -20.49
C SER B 116 -17.17 8.23 -19.76
N PHE B 117 -17.64 7.78 -18.60
CA PHE B 117 -18.72 8.48 -17.92
C PHE B 117 -18.37 9.94 -17.66
N GLY B 118 -17.19 10.18 -17.13
CA GLY B 118 -16.79 11.54 -16.78
C GLY B 118 -16.78 12.51 -17.95
N PRO B 119 -16.00 12.20 -18.98
CA PRO B 119 -15.95 13.07 -20.17
C PRO B 119 -17.31 13.30 -20.82
N LEU B 120 -18.14 12.27 -20.87
CA LEU B 120 -19.48 12.42 -21.43
C LEU B 120 -20.37 13.31 -20.56
N ASN B 121 -20.21 13.21 -19.24
CA ASN B 121 -21.00 13.98 -18.28
C ASN B 121 -20.53 15.43 -18.25
N LEU B 122 -19.34 15.66 -18.80
CA LEU B 122 -18.83 17.00 -19.01
C LEU B 122 -19.48 17.65 -20.21
N GLY B 123 -20.43 16.95 -20.82
CA GLY B 123 -21.11 17.48 -21.99
C GLY B 123 -20.21 17.58 -23.20
N LEU B 124 -19.22 16.69 -23.28
CA LEU B 124 -18.35 16.64 -24.45
C LEU B 124 -19.01 15.80 -25.55
N SER B 125 -18.77 16.17 -26.80
CA SER B 125 -19.25 15.39 -27.94
C SER B 125 -18.74 13.96 -27.85
N GLU B 126 -19.29 13.06 -28.67
CA GLU B 126 -18.81 11.70 -28.66
C GLU B 126 -17.30 11.62 -29.00
N ALA B 127 -16.86 12.50 -29.90
CA ALA B 127 -15.48 12.44 -30.42
C ALA B 127 -14.40 12.89 -29.44
N GLU B 128 -14.58 14.05 -28.78
CA GLU B 128 -13.54 14.52 -27.85
C GLU B 128 -13.54 13.60 -26.63
N ALA B 129 -14.71 13.17 -26.16
CA ALA B 129 -14.78 12.20 -25.06
C ALA B 129 -14.05 10.91 -25.42
N ARG B 130 -14.27 10.43 -26.64
CA ARG B 130 -13.61 9.21 -27.11
C ARG B 130 -12.09 9.34 -27.08
N ALA B 131 -11.57 10.46 -27.59
CA ALA B 131 -10.12 10.68 -27.57
C ALA B 131 -9.57 10.72 -26.14
N ARG B 132 -10.27 11.40 -25.25
CA ARG B 132 -9.86 11.45 -23.84
C ARG B 132 -9.77 10.06 -23.25
N VAL B 133 -10.78 9.25 -23.52
CA VAL B 133 -10.86 7.90 -22.95
C VAL B 133 -9.74 7.02 -23.49
N GLU B 134 -9.56 7.04 -24.82
CA GLU B 134 -8.53 6.21 -25.42
C GLU B 134 -7.13 6.60 -24.91
N GLU B 135 -6.88 7.90 -24.77
CA GLU B 135 -5.58 8.33 -24.27
C GLU B 135 -5.37 7.96 -22.79
N ALA B 136 -6.43 8.07 -22.00
CA ALA B 136 -6.36 7.72 -20.58
C ALA B 136 -6.13 6.22 -20.41
N LEU B 137 -6.85 5.40 -21.18
CA LEU B 137 -6.64 3.95 -21.13
C LEU B 137 -5.21 3.56 -21.51
N ALA B 138 -4.68 4.21 -22.54
CA ALA B 138 -3.30 3.93 -22.95
C ALA B 138 -2.32 4.38 -21.88
N ALA B 139 -2.56 5.55 -21.29
CA ALA B 139 -1.64 6.10 -20.30
C ALA B 139 -1.51 5.19 -19.09
N LEU B 140 -2.57 4.44 -18.78
CA LEU B 140 -2.51 3.53 -17.66
C LEU B 140 -2.37 2.07 -18.05
N SER B 141 -2.04 1.83 -19.32
CA SER B 141 -1.85 0.48 -19.84
C SER B 141 -3.01 -0.45 -19.51
N ILE B 142 -4.22 0.03 -19.76
CA ILE B 142 -5.40 -0.80 -19.57
C ILE B 142 -6.30 -0.79 -20.80
N SER B 143 -5.75 -0.41 -21.95
CA SER B 143 -6.52 -0.43 -23.19
C SER B 143 -7.08 -1.80 -23.48
N ASP B 144 -6.31 -2.84 -23.18
CA ASP B 144 -6.73 -4.20 -23.50
C ASP B 144 -7.79 -4.73 -22.53
N LEU B 145 -8.11 -3.93 -21.50
CA LEU B 145 -9.17 -4.26 -20.55
C LEU B 145 -10.46 -3.52 -20.85
N ARG B 146 -10.52 -2.84 -22.00
CA ARG B 146 -11.65 -1.95 -22.28
C ARG B 146 -13.01 -2.62 -22.17
N ASP B 147 -13.11 -3.90 -22.55
CA ASP B 147 -14.40 -4.58 -22.54
C ASP B 147 -14.63 -5.45 -21.30
N ARG B 148 -13.71 -5.37 -20.35
CA ARG B 148 -13.82 -6.13 -19.12
C ARG B 148 -14.79 -5.43 -18.18
N PRO B 149 -15.76 -6.17 -17.62
CA PRO B 149 -16.54 -5.62 -16.51
C PRO B 149 -15.61 -5.21 -15.37
N THR B 150 -15.86 -4.06 -14.75
CA THR B 150 -14.95 -3.55 -13.73
C THR B 150 -14.82 -4.48 -12.52
N HIS B 151 -15.83 -5.33 -12.27
CA HIS B 151 -15.71 -6.28 -11.15
C HIS B 151 -14.80 -7.45 -11.47
N MET B 152 -14.53 -7.66 -12.77
CA MET B 152 -13.67 -8.75 -13.19
C MET B 152 -12.22 -8.28 -13.33
N LEU B 153 -11.69 -7.72 -12.24
CA LEU B 153 -10.38 -7.11 -12.23
C LEU B 153 -9.68 -7.37 -10.92
N SER B 154 -8.35 -7.42 -10.96
CA SER B 154 -7.58 -7.45 -9.72
C SER B 154 -7.54 -6.06 -9.07
N GLY B 155 -7.12 -6.01 -7.81
CA GLY B 155 -7.03 -4.74 -7.12
C GLY B 155 -6.17 -3.70 -7.83
N GLY B 156 -5.02 -4.12 -8.33
CA GLY B 156 -4.12 -3.19 -9.01
C GLY B 156 -4.67 -2.74 -10.37
N GLN B 157 -5.41 -3.62 -11.04
CA GLN B 157 -6.07 -3.24 -12.29
C GLN B 157 -7.19 -2.23 -12.00
N LYS B 158 -7.98 -2.47 -10.95
CA LYS B 158 -9.00 -1.50 -10.53
C LYS B 158 -8.41 -0.12 -10.23
N ARG B 159 -7.25 -0.10 -9.58
CA ARG B 159 -6.58 1.16 -9.26
C ARG B 159 -6.26 1.95 -10.54
N ARG B 160 -5.75 1.24 -11.56
CA ARG B 160 -5.47 1.88 -12.84
C ARG B 160 -6.74 2.43 -13.48
N VAL B 161 -7.84 1.68 -13.42
CA VAL B 161 -9.09 2.17 -14.01
C VAL B 161 -9.55 3.45 -13.31
N ALA B 162 -9.49 3.47 -11.98
CA ALA B 162 -9.91 4.65 -11.24
C ALA B 162 -9.04 5.86 -11.59
N ILE B 163 -7.74 5.66 -11.68
CA ILE B 163 -6.86 6.77 -12.04
C ILE B 163 -7.17 7.23 -13.48
N ALA B 164 -7.38 6.28 -14.40
CA ALA B 164 -7.69 6.65 -15.78
C ALA B 164 -8.97 7.49 -15.89
N GLY B 165 -9.99 7.13 -15.12
CA GLY B 165 -11.24 7.89 -15.14
C GLY B 165 -11.03 9.33 -14.69
N ALA B 166 -10.17 9.52 -13.69
CA ALA B 166 -9.91 10.86 -13.19
C ALA B 166 -9.10 11.69 -14.19
N VAL B 167 -8.08 11.06 -14.76
CA VAL B 167 -7.20 11.76 -15.68
C VAL B 167 -7.92 12.12 -16.98
N ALA B 168 -8.87 11.28 -17.40
CA ALA B 168 -9.65 11.57 -18.61
C ALA B 168 -10.40 12.89 -18.51
N MET B 169 -10.66 13.34 -17.29
CA MET B 169 -11.34 14.62 -17.05
C MET B 169 -10.46 15.84 -17.25
N ARG B 170 -9.14 15.62 -17.34
CA ARG B 170 -8.15 16.69 -17.41
C ARG B 170 -8.43 17.84 -16.44
N PRO B 171 -8.48 17.53 -15.13
CA PRO B 171 -8.78 18.59 -14.18
C PRO B 171 -7.61 19.53 -14.01
N GLU B 172 -7.87 20.72 -13.46
CA GLU B 172 -6.82 21.68 -13.16
C GLU B 172 -5.96 21.17 -12.00
N VAL B 173 -6.63 20.51 -11.05
CA VAL B 173 -5.96 19.94 -9.88
C VAL B 173 -6.36 18.48 -9.77
N LEU B 174 -5.38 17.59 -9.59
CA LEU B 174 -5.66 16.19 -9.34
C LEU B 174 -5.26 15.85 -7.91
N LEU B 175 -6.23 15.40 -7.12
CA LEU B 175 -5.98 14.88 -5.78
C LEU B 175 -5.90 13.36 -5.85
N LEU B 176 -4.91 12.78 -5.19
CA LEU B 176 -4.78 11.32 -5.17
C LEU B 176 -4.57 10.83 -3.74
N ASP B 177 -5.46 9.96 -3.28
CA ASP B 177 -5.38 9.41 -1.95
C ASP B 177 -4.66 8.05 -1.99
N GLN B 178 -3.38 8.06 -1.62
CA GLN B 178 -2.54 6.88 -1.61
C GLN B 178 -2.59 6.16 -2.97
N PRO B 179 -2.14 6.87 -4.01
CA PRO B 179 -2.31 6.40 -5.38
C PRO B 179 -1.56 5.10 -5.72
N THR B 180 -0.49 4.78 -5.01
CA THR B 180 0.33 3.63 -5.40
C THR B 180 0.10 2.42 -4.53
N ALA B 181 -0.77 2.53 -3.54
CA ALA B 181 -1.06 1.39 -2.68
C ALA B 181 -1.61 0.25 -3.53
N GLY B 182 -0.99 -0.93 -3.46
CA GLY B 182 -1.46 -2.04 -4.28
C GLY B 182 -0.98 -2.09 -5.74
N LEU B 183 -0.26 -1.07 -6.18
CA LEU B 183 0.29 -1.08 -7.54
C LEU B 183 1.60 -1.84 -7.61
N ASP B 184 1.82 -2.58 -8.69
CA ASP B 184 3.12 -3.23 -8.87
C ASP B 184 4.16 -2.21 -9.29
N LEU B 185 5.41 -2.64 -9.38
CA LEU B 185 6.50 -1.70 -9.64
C LEU B 185 6.34 -1.02 -11.00
N ALA B 186 6.00 -1.80 -12.02
CA ALA B 186 5.83 -1.24 -13.35
C ALA B 186 4.73 -0.18 -13.35
N GLY B 187 3.64 -0.46 -12.66
CA GLY B 187 2.52 0.46 -12.58
C GLY B 187 2.91 1.73 -11.84
N THR B 188 3.71 1.58 -10.79
CA THR B 188 4.15 2.74 -10.03
C THR B 188 5.05 3.64 -10.87
N GLU B 189 5.98 3.03 -11.59
CA GLU B 189 6.87 3.81 -12.44
C GLU B 189 6.11 4.47 -13.59
N GLN B 190 5.14 3.76 -14.15
CA GLN B 190 4.32 4.32 -15.21
C GLN B 190 3.49 5.49 -14.68
N LEU B 191 2.97 5.35 -13.47
CA LEU B 191 2.19 6.43 -12.88
C LEU B 191 3.07 7.66 -12.61
N LEU B 192 4.29 7.42 -12.12
CA LEU B 192 5.24 8.52 -11.90
C LEU B 192 5.46 9.30 -13.20
N THR B 193 5.69 8.58 -14.29
CA THR B 193 5.91 9.19 -15.59
C THR B 193 4.70 10.00 -16.02
N LEU B 194 3.52 9.41 -15.89
CA LEU B 194 2.28 10.11 -16.19
C LEU B 194 2.10 11.38 -15.37
N LEU B 195 2.26 11.28 -14.05
CA LEU B 195 2.04 12.44 -13.19
C LEU B 195 3.05 13.54 -13.46
N ARG B 196 4.30 13.17 -13.74
CA ARG B 196 5.30 14.17 -14.13
C ARG B 196 4.87 14.87 -15.42
N GLY B 197 4.36 14.10 -16.38
CA GLY B 197 3.89 14.67 -17.62
C GLY B 197 2.71 15.61 -17.45
N LEU B 198 1.77 15.24 -16.60
CA LEU B 198 0.60 16.08 -16.36
C LEU B 198 1.03 17.38 -15.68
N ARG B 199 1.96 17.27 -14.74
CA ARG B 199 2.51 18.44 -14.09
C ARG B 199 3.22 19.35 -15.09
N ALA B 200 4.00 18.75 -16.00
CA ALA B 200 4.69 19.53 -17.01
C ALA B 200 3.70 20.28 -17.90
N ALA B 201 2.50 19.71 -18.04
CA ALA B 201 1.44 20.33 -18.84
C ALA B 201 0.67 21.38 -18.03
N GLY B 202 1.00 21.52 -16.74
CA GLY B 202 0.42 22.58 -15.94
C GLY B 202 -0.52 22.13 -14.83
N MET B 203 -0.75 20.82 -14.72
CA MET B 203 -1.63 20.31 -13.70
C MET B 203 -1.01 20.45 -12.32
N THR B 204 -1.86 20.72 -11.33
CA THR B 204 -1.49 20.79 -9.93
C THR B 204 -1.78 19.42 -9.31
N LEU B 205 -0.85 18.91 -8.49
CA LEU B 205 -1.03 17.59 -7.87
C LEU B 205 -0.97 17.67 -6.36
N VAL B 206 -1.90 16.98 -5.70
CA VAL B 206 -1.83 16.79 -4.26
C VAL B 206 -2.03 15.31 -3.99
N PHE B 207 -1.09 14.68 -3.32
CA PHE B 207 -1.23 13.25 -3.04
C PHE B 207 -0.85 12.89 -1.62
N SER B 208 -1.70 12.09 -0.98
CA SER B 208 -1.41 11.46 0.29
C SER B 208 -0.62 10.20 0.03
N THR B 209 0.34 9.88 0.88
CA THR B 209 1.08 8.63 0.68
C THR B 209 1.78 8.25 1.96
N HIS B 210 2.03 6.95 2.11
CA HIS B 210 2.90 6.41 3.14
C HIS B 210 4.25 6.02 2.55
N ASP B 211 4.42 6.24 1.27
CA ASP B 211 5.65 5.90 0.57
C ASP B 211 6.55 7.14 0.49
N VAL B 212 7.53 7.24 1.39
CA VAL B 212 8.38 8.44 1.41
C VAL B 212 9.26 8.47 0.16
N GLU B 213 9.53 7.31 -0.44
CA GLU B 213 10.30 7.30 -1.69
C GLU B 213 9.48 7.94 -2.81
N LEU B 214 8.17 7.70 -2.81
CA LEU B 214 7.31 8.35 -3.81
C LEU B 214 7.29 9.87 -3.58
N ALA B 215 7.15 10.30 -2.33
CA ALA B 215 7.22 11.72 -2.02
C ALA B 215 8.51 12.32 -2.55
N ALA B 216 9.62 11.64 -2.30
CA ALA B 216 10.92 12.13 -2.75
C ALA B 216 11.00 12.22 -4.28
N ALA B 217 10.38 11.27 -4.97
CA ALA B 217 10.44 11.22 -6.42
C ALA B 217 9.57 12.28 -7.09
N LEU B 218 8.46 12.65 -6.44
CA LEU B 218 7.42 13.41 -7.14
C LEU B 218 7.10 14.79 -6.56
N ALA B 219 7.30 14.98 -5.25
CA ALA B 219 6.84 16.21 -4.61
C ALA B 219 7.80 17.38 -4.75
N ASP B 220 7.26 18.58 -4.97
CA ASP B 220 7.98 19.83 -4.74
C ASP B 220 7.90 20.28 -3.31
N ARG B 221 6.78 20.00 -2.68
CA ARG B 221 6.53 20.43 -1.31
C ARG B 221 5.93 19.28 -0.55
N VAL B 222 6.16 19.30 0.76
CA VAL B 222 5.69 18.25 1.63
C VAL B 222 4.99 18.88 2.84
N ALA B 223 3.84 18.32 3.20
CA ALA B 223 3.16 18.68 4.43
C ALA B 223 3.04 17.43 5.30
N LEU B 224 3.36 17.57 6.58
CA LEU B 224 3.21 16.49 7.54
C LEU B 224 1.98 16.77 8.41
N PHE B 225 1.07 15.80 8.45
CA PHE B 225 -0.16 15.89 9.23
C PHE B 225 -0.05 15.09 10.52
N ARG B 226 -0.64 15.60 11.60
CA ARG B 226 -0.78 14.82 12.82
C ARG B 226 -2.01 15.31 13.57
N THR B 227 -2.89 14.39 13.94
CA THR B 227 -4.06 14.72 14.77
C THR B 227 -4.88 15.86 14.17
N GLY B 228 -5.09 15.82 12.86
CA GLY B 228 -5.98 16.76 12.22
C GLY B 228 -5.42 18.13 11.94
N ARG B 229 -4.10 18.28 12.11
CA ARG B 229 -3.43 19.56 11.90
C ARG B 229 -2.23 19.37 10.99
N VAL B 230 -1.77 20.44 10.35
CA VAL B 230 -0.47 20.42 9.67
C VAL B 230 0.61 20.71 10.70
N LEU B 231 1.48 19.73 10.91
CA LEU B 231 2.56 19.85 11.87
C LEU B 231 3.79 20.57 11.26
N ALA B 232 4.02 20.38 9.98
CA ALA B 232 5.17 20.99 9.30
C ALA B 232 4.87 21.08 7.81
N GLU B 233 5.41 22.09 7.14
CA GLU B 233 5.26 22.19 5.70
C GLU B 233 6.48 22.90 5.14
N GLY B 234 6.97 22.43 4.00
CA GLY B 234 8.12 23.06 3.37
C GLY B 234 8.47 22.43 2.05
N ALA B 235 9.55 22.90 1.43
CA ALA B 235 10.07 22.28 0.23
C ALA B 235 10.41 20.81 0.51
N ALA B 236 10.19 19.95 -0.47
CA ALA B 236 10.31 18.50 -0.27
C ALA B 236 11.70 18.13 0.25
N GLU B 237 12.75 18.67 -0.36
CA GLU B 237 14.11 18.33 0.06
C GLU B 237 14.37 18.71 1.52
N ALA B 238 13.88 19.87 1.93
CA ALA B 238 14.12 20.35 3.29
C ALA B 238 13.41 19.48 4.32
N VAL B 239 12.20 19.05 4.00
CA VAL B 239 11.43 18.26 4.97
C VAL B 239 11.90 16.81 5.00
N LEU B 240 12.11 16.23 3.82
CA LEU B 240 12.46 14.82 3.72
C LEU B 240 13.88 14.49 4.21
N SER B 241 14.72 15.51 4.40
CA SER B 241 16.05 15.29 4.92
C SER B 241 16.16 15.71 6.39
N ASP B 242 15.02 15.97 7.03
CA ASP B 242 14.99 16.46 8.40
C ASP B 242 14.55 15.33 9.32
N ARG B 243 15.51 14.62 9.89
CA ARG B 243 15.20 13.41 10.67
C ARG B 243 14.31 13.71 11.88
N ALA B 244 14.63 14.76 12.64
CA ALA B 244 13.88 15.07 13.86
C ALA B 244 12.44 15.43 13.58
N THR B 245 12.22 16.21 12.52
CA THR B 245 10.85 16.63 12.21
C THR B 245 10.03 15.45 11.69
N LEU B 246 10.62 14.64 10.81
CA LEU B 246 9.93 13.43 10.33
C LEU B 246 9.60 12.48 11.48
N ALA B 247 10.47 12.40 12.48
CA ALA B 247 10.25 11.51 13.61
C ALA B 247 8.98 11.87 14.39
N LYS B 248 8.57 13.13 14.33
CA LYS B 248 7.37 13.55 15.05
C LYS B 248 6.08 13.00 14.43
N VAL B 249 6.16 12.51 13.19
CA VAL B 249 5.04 11.78 12.61
C VAL B 249 5.44 10.33 12.36
N ALA B 250 6.44 9.87 13.11
CA ALA B 250 6.91 8.47 13.06
C ALA B 250 7.27 8.04 11.65
N LEU B 251 8.01 8.91 10.95
CA LEU B 251 8.60 8.60 9.65
C LEU B 251 10.10 8.68 9.71
N ARG B 252 10.73 7.95 8.78
CA ARG B 252 12.14 8.09 8.53
C ARG B 252 12.35 8.78 7.19
N PRO B 253 13.56 9.34 6.96
CA PRO B 253 13.83 9.88 5.62
C PRO B 253 13.82 8.79 4.56
N PRO B 254 13.71 9.17 3.27
CA PRO B 254 13.94 8.20 2.19
C PRO B 254 15.26 7.48 2.43
N LEU B 255 15.36 6.20 2.08
CA LEU B 255 16.46 5.36 2.53
C LEU B 255 17.86 5.92 2.19
N VAL B 256 18.08 6.33 0.95
CA VAL B 256 19.42 6.85 0.62
C VAL B 256 19.74 8.10 1.43
N ILE B 257 18.78 9.01 1.60
CA ILE B 257 19.01 10.20 2.40
C ILE B 257 19.25 9.84 3.86
N ASP B 258 18.50 8.85 4.34
CA ASP B 258 18.66 8.32 5.69
C ASP B 258 20.12 7.95 5.93
N LEU B 259 20.64 7.08 5.07
CA LEU B 259 21.98 6.54 5.23
C LEU B 259 23.01 7.63 5.03
N ALA B 260 22.69 8.51 4.12
CA ALA B 260 23.63 9.53 3.78
C ALA B 260 23.73 10.59 4.88
N LEU B 261 22.63 10.87 5.57
CA LEU B 261 22.68 11.67 6.81
C LEU B 261 23.54 10.98 7.87
N LEU B 262 23.38 9.67 8.00
CA LEU B 262 24.22 8.89 8.91
C LEU B 262 25.71 9.00 8.55
N ALA B 263 26.00 8.91 7.25
CA ALA B 263 27.35 9.05 6.76
C ALA B 263 27.95 10.40 7.13
N ARG B 264 27.14 11.45 7.01
CA ARG B 264 27.62 12.79 7.34
C ARG B 264 27.95 12.90 8.83
N ASP B 265 27.10 12.32 9.67
CA ASP B 265 27.35 12.30 11.11
C ASP B 265 28.60 11.50 11.43
N HIS B 266 28.75 10.36 10.75
CA HIS B 266 29.84 9.43 11.00
C HIS B 266 31.17 9.96 10.49
N GLY B 267 31.14 11.06 9.75
CA GLY B 267 32.34 11.66 9.18
C GLY B 267 32.80 11.02 7.88
N LEU B 268 31.91 10.33 7.20
CA LEU B 268 32.24 9.67 5.96
C LEU B 268 32.23 10.60 4.77
N LEU B 269 31.72 11.80 4.97
CA LEU B 269 31.62 12.71 3.86
C LEU B 269 32.65 13.79 3.97
N ALA B 270 33.43 14.04 2.94
CA ALA B 270 34.32 15.17 3.05
C ALA B 270 35.12 15.22 4.38
N PRO B 271 34.82 16.24 5.19
CA PRO B 271 33.64 17.12 4.99
C PRO B 271 33.67 18.34 4.07
N GLU B 272 32.46 18.84 3.83
CA GLU B 272 32.13 20.01 3.01
C GLU B 272 31.25 19.63 1.83
N ALA B 273 31.02 18.32 1.62
CA ALA B 273 30.42 17.74 0.40
C ALA B 273 28.91 17.69 0.44
N PRO B 274 28.25 17.61 -0.73
CA PRO B 274 26.80 17.56 -0.66
C PRO B 274 26.31 16.16 -0.37
N LEU B 275 25.12 16.05 0.19
CA LEU B 275 24.49 14.81 0.58
C LEU B 275 24.03 13.98 -0.61
N PRO B 276 24.57 12.80 -0.73
CA PRO B 276 24.05 11.85 -1.74
C PRO B 276 22.57 11.52 -1.53
N LYS B 277 21.77 11.71 -2.57
CA LYS B 277 20.33 11.49 -2.46
C LYS B 277 19.87 10.36 -3.36
N THR B 278 20.77 9.91 -4.24
CA THR B 278 20.43 8.82 -5.14
C THR B 278 21.33 7.62 -4.90
N ARG B 279 20.85 6.47 -5.37
CA ARG B 279 21.65 5.26 -5.41
C ARG B 279 22.99 5.50 -6.11
N ASP B 280 22.95 6.19 -7.24
CA ASP B 280 24.15 6.49 -8.01
C ASP B 280 25.13 7.30 -7.18
N ALA B 281 24.60 8.29 -6.44
CA ALA B 281 25.46 9.19 -5.69
C ALA B 281 26.08 8.45 -4.52
N LEU B 282 25.30 7.60 -3.87
CA LEU B 282 25.79 6.86 -2.72
C LEU B 282 26.82 5.84 -3.17
N ALA B 283 26.57 5.20 -4.32
CA ALA B 283 27.51 4.22 -4.87
C ALA B 283 28.87 4.85 -5.12
N ALA B 284 28.85 6.06 -5.67
CA ALA B 284 30.09 6.77 -5.95
C ALA B 284 30.86 7.07 -4.66
N GLN B 285 30.14 7.33 -3.57
CA GLN B 285 30.82 7.62 -2.31
C GLN B 285 31.47 6.38 -1.71
N MET B 286 30.81 5.24 -1.87
CA MET B 286 31.26 3.99 -1.28
C MET B 286 32.68 3.59 -1.69
N ALA B 287 33.08 3.98 -2.89
CA ALA B 287 34.42 3.64 -3.39
C ALA B 287 35.53 4.31 -2.58
N GLY B 288 35.17 5.35 -1.82
CA GLY B 288 36.14 6.05 -0.98
C GLY B 288 36.06 5.61 0.47
N TRP B 289 35.36 4.51 0.72
CA TRP B 289 35.20 3.99 2.06
C TRP B 289 35.82 2.61 2.21
N THR B 290 36.27 2.29 3.43
CA THR B 290 36.66 0.93 3.77
C THR B 290 36.15 0.57 5.15
N ARG B 291 36.31 -0.69 5.51
CA ARG B 291 35.93 -1.19 6.81
C ARG B 291 37.02 -0.90 7.84
N ARG B 292 36.60 -0.62 9.07
CA ARG B 292 37.54 -0.39 10.17
C ARG B 292 38.24 -1.68 10.58
MG MG C . -5.39 -9.11 -5.76
PG ACP D . -3.11 -7.51 -7.69
O1G ACP D . -1.58 -7.49 -7.25
O2G ACP D . -3.43 -6.42 -8.74
O3G ACP D . -4.01 -7.53 -6.52
PB ACP D . -3.28 -10.47 -8.10
O1B ACP D . -3.75 -10.68 -6.67
O2B ACP D . -1.90 -11.07 -8.41
C3B ACP D . -3.33 -8.92 -8.58
PA ACP D . -5.76 -11.65 -8.95
O1A ACP D . -6.59 -10.69 -8.22
O2A ACP D . -5.59 -13.05 -8.39
O3A ACP D . -4.26 -11.07 -9.15
O5' ACP D . -6.30 -11.71 -10.44
C5' ACP D . -5.94 -12.81 -11.30
C4' ACP D . -6.69 -12.72 -12.61
O4' ACP D . -8.11 -12.86 -12.36
C3' ACP D . -6.54 -11.41 -13.38
O3' ACP D . -6.57 -11.69 -14.77
C2' ACP D . -7.76 -10.60 -12.93
O2' ACP D . -8.16 -9.64 -13.91
C1' ACP D . -8.81 -11.70 -12.78
N9 ACP D . -9.83 -11.43 -11.78
C8 ACP D . -9.66 -11.05 -10.48
N7 ACP D . -10.76 -10.97 -9.79
C5 ACP D . -11.74 -11.36 -10.68
C6 ACP D . -13.14 -11.49 -10.58
N6 ACP D . -13.82 -11.23 -9.46
N1 ACP D . -13.82 -11.91 -11.67
C2 ACP D . -13.14 -12.17 -12.79
N3 ACP D . -11.83 -12.07 -13.02
C4 ACP D . -11.18 -11.66 -11.92
MG MG E . -7.04 7.54 4.38
PG ACP F . -4.97 6.58 6.64
O1G ACP F . -3.41 6.86 6.51
O2G ACP F . -5.63 6.27 5.33
O3G ACP F . -5.29 5.38 7.62
PB ACP F . -5.98 9.41 7.22
O1B ACP F . -4.81 10.33 7.54
O2B ACP F . -6.35 9.49 5.76
C3B ACP F . -5.60 7.83 7.61
PA ACP F . -8.78 10.00 7.79
O1A ACP F . -9.10 11.34 7.26
O2A ACP F . -9.29 8.76 7.06
O3A ACP F . -7.20 9.95 8.02
O5' ACP F . -9.24 9.90 9.31
C5' ACP F . -9.28 11.05 10.19
C4' ACP F . -10.10 10.74 11.41
O4' ACP F . -11.47 10.50 11.03
C3' ACP F . -9.69 9.50 12.21
O3' ACP F . -9.93 9.75 13.60
C2' ACP F . -10.59 8.40 11.65
O2' ACP F . -10.83 7.38 12.60
C1' ACP F . -11.87 9.20 11.40
N9 ACP F . -12.73 8.70 10.33
C8 ACP F . -12.36 8.40 9.04
N7 ACP F . -13.36 8.07 8.27
C5 ACP F . -14.47 8.20 9.09
C6 ACP F . -15.85 8.01 8.87
N6 ACP F . -16.37 7.62 7.70
N1 ACP F . -16.68 8.24 9.90
C2 ACP F . -16.18 8.63 11.08
N3 ACP F . -14.90 8.84 11.40
C4 ACP F . -14.09 8.60 10.36
#